data_7NUF
#
_entry.id   7NUF
#
_cell.length_a   169.056
_cell.length_b   37.468
_cell.length_c   115.476
_cell.angle_alpha   90.000
_cell.angle_beta   116.193
_cell.angle_gamma   90.000
#
_symmetry.space_group_name_H-M   'C 1 2 1'
#
loop_
_entity.id
_entity.type
_entity.pdbx_description
1 polymer 'Signal transducer and activator of transcription 1-alpha/beta'
2 polymer 'Uncharacterized protein 18'
3 non-polymer 'SULFATE ION'
4 non-polymer 'ACETYL GROUP'
5 water water
#
loop_
_entity_poly.entity_id
_entity_poly.type
_entity_poly.pdbx_seq_one_letter_code
_entity_poly.pdbx_strand_id
1 'polypeptide(L)'
;GSTVMLDKQKELDSKVRNVKDKVMCIEHEIKSLEDLQDEYDFKCKTLQNREADQKQEQLLLKKMYLMLDNKRKEVVHKII
ELLNVTELTQNALINDELVEWKRRQQSACIGGPPNACLDQLQNWFTIVAESLQQVRQQLKKLEELEQKYTYEHDPITKNK
QVLWDRTFSLFQQLIQSSFVVERQPCMPTHPQRPLVLKTGVQFTVKLRLLVKLQELNYNLKVKVLFDKDVNERNTVKGFR
KFNILGTHTKVMNMAASTNGSLAAEFRHLQLKEQKNAGTRTNEGPLIVTEELHSLSFETQLCQPGLVIDLETTSLPVVVI
SNVSQLPSGWASILWYNMLVAEPRNLSFFLTPPCARWAQLSEVLSWQFSSVTKRGLNVDQLNMLGEKLLGPNASPDGLIP
WTRFCKENINDKNFPFWLWIESILELIKKHLLPLWNDGCIMGFISKERERALLKDQQPGTFLLRFSESSREGAITFTWVE
RSQNGGEPDFHAVEPYTKKELSAVTFPDIIRNYKVMAAENIPENPLKYLYPNIDKDHAFGKYYSRP
;
A
2 'polypeptide(L)' MWSVFIHGHDGSNKGSKTYTS C
#
loop_
_chem_comp.id
_chem_comp.type
_chem_comp.name
_chem_comp.formula
ACE non-polymer 'ACETYL GROUP' 'C2 H4 O'
SO4 non-polymer 'SULFATE ION' 'O4 S -2'
#
# COMPACT_ATOMS: atom_id res chain seq x y z
N THR A 3 4.41 -9.97 -18.46
CA THR A 3 5.40 -11.02 -18.66
C THR A 3 6.66 -10.70 -17.90
N VAL A 4 6.91 -9.42 -17.67
CA VAL A 4 8.07 -9.03 -16.90
C VAL A 4 7.95 -9.58 -15.50
N MET A 5 6.75 -9.47 -14.92
CA MET A 5 6.51 -10.00 -13.60
C MET A 5 6.67 -11.50 -13.59
N LEU A 6 6.17 -12.15 -14.62
CA LEU A 6 6.28 -13.59 -14.69
C LEU A 6 7.74 -14.00 -14.75
N ASP A 7 8.55 -13.28 -15.51
CA ASP A 7 9.93 -13.67 -15.65
C ASP A 7 10.64 -13.62 -14.31
N LYS A 8 10.38 -12.55 -13.56
CA LYS A 8 11.00 -12.41 -12.26
C LYS A 8 10.54 -13.52 -11.34
N GLN A 9 9.26 -13.81 -11.40
CA GLN A 9 8.70 -14.84 -10.57
C GLN A 9 9.29 -16.20 -10.86
N LYS A 10 9.44 -16.52 -12.13
CA LYS A 10 9.95 -17.83 -12.51
C LYS A 10 11.43 -17.95 -12.16
N GLU A 11 12.15 -16.85 -12.23
CA GLU A 11 13.55 -16.87 -11.86
C GLU A 11 13.71 -17.12 -10.37
N LEU A 12 12.88 -16.49 -9.55
CA LEU A 12 12.94 -16.70 -8.13
C LEU A 12 12.52 -18.12 -7.78
N ASP A 13 11.46 -18.59 -8.41
CA ASP A 13 11.00 -19.94 -8.16
C ASP A 13 12.16 -20.87 -8.38
N SER A 14 12.92 -20.63 -9.44
CA SER A 14 14.05 -21.47 -9.75
C SER A 14 15.13 -21.43 -8.69
N LYS A 15 15.43 -20.23 -8.18
CA LYS A 15 16.43 -20.10 -7.14
C LYS A 15 16.01 -20.79 -5.86
N VAL A 16 14.75 -20.67 -5.50
CA VAL A 16 14.25 -21.32 -4.31
C VAL A 16 14.33 -22.83 -4.46
N ARG A 17 14.01 -23.33 -5.63
CA ARG A 17 14.10 -24.76 -5.90
C ARG A 17 15.53 -25.22 -5.80
N ASN A 18 16.45 -24.41 -6.26
CA ASN A 18 17.85 -24.74 -6.17
C ASN A 18 18.28 -24.84 -4.72
N VAL A 19 17.81 -23.92 -3.88
CA VAL A 19 18.14 -23.96 -2.47
C VAL A 19 17.60 -25.24 -1.83
N LYS A 20 16.37 -25.59 -2.13
CA LYS A 20 15.77 -26.79 -1.56
C LYS A 20 16.48 -28.03 -2.00
N ASP A 21 16.79 -28.13 -3.28
CA ASP A 21 17.47 -29.29 -3.80
C ASP A 21 18.87 -29.43 -3.24
N LYS A 22 19.57 -28.32 -3.11
CA LYS A 22 20.91 -28.32 -2.59
C LYS A 22 20.99 -28.82 -1.14
N VAL A 23 19.99 -28.52 -0.33
CA VAL A 23 20.07 -28.94 1.06
C VAL A 23 19.68 -30.41 1.13
N MET A 24 18.86 -30.88 0.20
CA MET A 24 18.55 -32.30 0.16
C MET A 24 19.75 -33.13 -0.28
N CYS A 25 20.50 -32.61 -1.22
CA CYS A 25 21.70 -33.31 -1.67
C CYS A 25 22.68 -33.43 -0.53
N ILE A 26 22.84 -32.37 0.25
CA ILE A 26 23.74 -32.40 1.38
C ILE A 26 23.28 -33.43 2.41
N GLU A 27 21.99 -33.50 2.67
CA GLU A 27 21.48 -34.49 3.59
C GLU A 27 21.90 -35.88 3.17
N HIS A 28 21.75 -36.18 1.89
CA HIS A 28 22.11 -37.49 1.39
C HIS A 28 23.61 -37.71 1.48
N GLU A 29 24.38 -36.68 1.19
CA GLU A 29 25.83 -36.79 1.30
C GLU A 29 26.29 -37.02 2.72
N ILE A 30 25.69 -36.30 3.66
CA ILE A 30 26.06 -36.45 5.06
C ILE A 30 25.77 -37.87 5.55
N LYS A 31 24.64 -38.42 5.13
CA LYS A 31 24.31 -39.79 5.52
C LYS A 31 25.40 -40.74 5.05
N SER A 32 25.81 -40.59 3.80
CA SER A 32 26.86 -41.42 3.27
C SER A 32 28.17 -41.22 4.02
N LEU A 33 28.47 -39.98 4.40
CA LEU A 33 29.68 -39.69 5.15
C LEU A 33 29.70 -40.40 6.50
N GLU A 34 28.56 -40.42 7.18
CA GLU A 34 28.49 -41.10 8.46
C GLU A 34 28.75 -42.57 8.23
N ASP A 35 28.17 -43.13 7.19
CA ASP A 35 28.35 -44.55 6.90
C ASP A 35 29.80 -44.90 6.60
N LEU A 36 30.46 -44.06 5.83
CA LEU A 36 31.86 -44.29 5.52
C LEU A 36 32.70 -44.23 6.79
N GLN A 37 32.41 -43.27 7.64
CA GLN A 37 33.14 -43.13 8.89
C GLN A 37 32.95 -44.34 9.79
N ASP A 38 31.72 -44.84 9.85
CA ASP A 38 31.45 -46.01 10.67
C ASP A 38 32.19 -47.23 10.18
N GLU A 39 32.28 -47.40 8.87
CA GLU A 39 33.02 -48.53 8.32
C GLU A 39 34.51 -48.30 8.53
N TYR A 40 34.96 -47.07 8.39
CA TYR A 40 36.36 -46.73 8.64
C TYR A 40 36.67 -47.04 10.11
N ASP A 41 35.78 -46.71 11.02
CA ASP A 41 35.98 -47.06 12.42
C ASP A 41 36.07 -48.56 12.58
N PHE A 42 35.16 -49.30 11.95
CA PHE A 42 35.17 -50.76 12.04
C PHE A 42 36.47 -51.35 11.56
N LYS A 43 36.92 -50.93 10.38
CA LYS A 43 38.12 -51.49 9.82
C LYS A 43 39.35 -51.15 10.67
N CYS A 44 39.35 -50.02 11.38
CA CYS A 44 40.52 -49.65 12.13
C CYS A 44 40.57 -50.48 13.39
N LYS A 45 39.41 -50.83 13.93
CA LYS A 45 39.36 -51.61 15.17
C LYS A 45 39.55 -53.09 14.91
N THR A 46 39.41 -53.53 13.67
CA THR A 46 39.44 -54.96 13.37
C THR A 46 40.65 -55.31 12.54
N LEU A 47 41.62 -54.42 12.49
CA LEU A 47 42.82 -54.66 11.69
C LEU A 47 43.61 -55.80 12.28
N GLN A 48 43.62 -55.89 13.60
CA GLN A 48 44.37 -56.93 14.28
C GLN A 48 43.92 -58.32 13.90
N ASN A 49 42.62 -58.51 13.76
CA ASN A 49 42.07 -59.81 13.44
C ASN A 49 42.54 -60.37 12.11
N ARG A 50 42.68 -59.50 11.11
CA ARG A 50 43.06 -59.97 9.78
C ARG A 50 44.44 -60.59 9.75
N GLU A 51 44.58 -61.73 9.08
CA GLU A 51 45.87 -62.41 9.02
C GLU A 51 46.52 -62.42 7.63
N ASP A 53 46.58 -61.17 4.58
CA ASP A 53 45.35 -60.42 4.42
C ASP A 53 45.53 -59.13 5.19
N GLN A 54 46.69 -58.96 5.81
CA GLN A 54 46.90 -57.79 6.65
C GLN A 54 47.36 -56.60 5.83
N LYS A 55 48.23 -56.82 4.87
CA LYS A 55 48.76 -55.73 4.06
C LYS A 55 47.72 -55.05 3.21
N GLN A 56 46.91 -55.84 2.51
CA GLN A 56 45.85 -55.25 1.72
C GLN A 56 44.97 -54.40 2.60
N GLU A 57 44.59 -54.92 3.76
CA GLU A 57 43.71 -54.19 4.66
C GLU A 57 44.32 -52.89 5.15
N GLN A 58 45.61 -52.88 5.39
CA GLN A 58 46.28 -51.65 5.79
C GLN A 58 46.25 -50.64 4.65
N LEU A 59 46.41 -51.12 3.43
CA LEU A 59 46.34 -50.24 2.28
C LEU A 59 44.94 -49.67 2.12
N LEU A 60 43.94 -50.50 2.35
CA LEU A 60 42.56 -50.06 2.23
C LEU A 60 42.27 -48.97 3.24
N LEU A 61 42.80 -49.10 4.45
CA LEU A 61 42.51 -48.14 5.49
C LEU A 61 42.98 -46.76 5.09
N LYS A 62 44.16 -46.68 4.50
CA LYS A 62 44.65 -45.40 4.01
C LYS A 62 43.79 -44.83 2.88
N LYS A 63 43.33 -45.68 1.97
CA LYS A 63 42.44 -45.23 0.91
C LYS A 63 41.14 -44.70 1.49
N MET A 64 40.61 -45.37 2.50
CA MET A 64 39.38 -44.94 3.13
C MET A 64 39.54 -43.59 3.79
N TYR A 65 40.67 -43.36 4.41
CA TYR A 65 40.91 -42.06 4.99
C TYR A 65 40.80 -41.04 3.89
N LEU A 66 41.43 -41.32 2.76
CA LEU A 66 41.43 -40.35 1.68
C LEU A 66 40.03 -40.08 1.19
N MET A 67 39.22 -41.13 1.08
CA MET A 67 37.84 -40.96 0.65
C MET A 67 37.08 -40.13 1.66
N LEU A 68 37.29 -40.40 2.93
CA LEU A 68 36.59 -39.65 3.98
C LEU A 68 36.99 -38.19 3.94
N ASP A 69 38.27 -37.91 3.75
CA ASP A 69 38.74 -36.54 3.70
C ASP A 69 38.14 -35.82 2.52
N ASN A 70 38.12 -36.50 1.37
CA ASN A 70 37.57 -35.89 0.18
C ASN A 70 36.09 -35.62 0.35
N LYS A 71 35.37 -36.53 0.99
CA LYS A 71 33.94 -36.36 1.19
C LYS A 71 33.68 -35.24 2.20
N ARG A 72 34.52 -35.11 3.21
CA ARG A 72 34.35 -34.03 4.17
C ARG A 72 34.54 -32.70 3.46
N LYS A 73 35.53 -32.62 2.61
CA LYS A 73 35.76 -31.41 1.85
C LYS A 73 34.59 -31.11 0.93
N GLU A 74 34.06 -32.14 0.29
CA GLU A 74 32.95 -31.96 -0.63
C GLU A 74 31.69 -31.43 0.06
N VAL A 75 31.36 -31.99 1.21
CA VAL A 75 30.18 -31.55 1.93
C VAL A 75 30.32 -30.11 2.38
N VAL A 76 31.49 -29.76 2.89
CA VAL A 76 31.71 -28.41 3.35
C VAL A 76 31.60 -27.44 2.18
N HIS A 77 32.13 -27.80 1.04
CA HIS A 77 32.06 -26.95 -0.13
C HIS A 77 30.63 -26.74 -0.54
N LYS A 78 29.83 -27.79 -0.51
CA LYS A 78 28.44 -27.69 -0.88
C LYS A 78 27.66 -26.80 0.06
N ILE A 79 27.94 -26.88 1.35
CA ILE A 79 27.28 -26.01 2.30
C ILE A 79 27.64 -24.54 2.03
N ILE A 80 28.90 -24.27 1.73
CA ILE A 80 29.30 -22.91 1.45
C ILE A 80 28.58 -22.37 0.24
N GLU A 81 28.49 -23.17 -0.81
CA GLU A 81 27.78 -22.76 -2.00
C GLU A 81 26.30 -22.56 -1.74
N LEU A 82 25.71 -23.43 -0.94
CA LEU A 82 24.31 -23.29 -0.62
C LEU A 82 24.07 -21.98 0.10
N LEU A 83 24.92 -21.67 1.06
CA LEU A 83 24.76 -20.41 1.79
C LEU A 83 24.94 -19.22 0.86
N ASN A 84 25.76 -19.38 -0.17
CA ASN A 84 25.96 -18.29 -1.10
C ASN A 84 24.71 -18.10 -1.96
N VAL A 85 24.10 -19.19 -2.39
CA VAL A 85 22.86 -19.10 -3.15
C VAL A 85 21.74 -18.58 -2.28
N THR A 86 21.68 -19.04 -1.05
CA THR A 86 20.62 -18.65 -0.15
C THR A 86 20.64 -17.15 0.06
N GLU A 87 21.82 -16.59 0.24
CA GLU A 87 21.94 -15.17 0.49
C GLU A 87 21.43 -14.38 -0.69
N LEU A 88 21.79 -14.80 -1.89
CA LEU A 88 21.33 -14.12 -3.09
C LEU A 88 19.83 -14.21 -3.22
N THR A 89 19.28 -15.39 -2.99
CA THR A 89 17.87 -15.58 -3.13
C THR A 89 17.10 -14.76 -2.12
N GLN A 90 17.54 -14.80 -0.87
CA GLN A 90 16.85 -14.06 0.18
C GLN A 90 16.96 -12.57 0.00
N ASN A 91 18.09 -12.10 -0.51
CA ASN A 91 18.24 -10.68 -0.78
C ASN A 91 17.25 -10.26 -1.84
N ALA A 92 17.03 -11.09 -2.83
CA ALA A 92 16.02 -10.79 -3.81
C ALA A 92 14.61 -10.74 -3.21
N LEU A 93 14.31 -11.69 -2.34
CA LEU A 93 12.99 -11.73 -1.73
C LEU A 93 12.77 -10.54 -0.83
N ILE A 94 13.76 -10.21 -0.03
CA ILE A 94 13.67 -9.09 0.90
C ILE A 94 13.86 -7.68 0.35
N ASN A 95 14.92 -7.49 -0.43
CA ASN A 95 15.23 -6.16 -0.95
C ASN A 95 14.56 -5.82 -2.27
N ASP A 96 14.06 -6.81 -3.00
CA ASP A 96 13.29 -6.51 -4.19
C ASP A 96 11.80 -6.82 -4.07
N GLU A 97 11.42 -8.08 -4.01
CA GLU A 97 9.99 -8.41 -4.03
C GLU A 97 9.17 -7.79 -2.91
N LEU A 98 9.61 -7.98 -1.68
CA LEU A 98 8.86 -7.47 -0.55
C LEU A 98 8.86 -5.96 -0.49
N VAL A 99 9.95 -5.35 -0.92
CA VAL A 99 10.01 -3.90 -0.97
C VAL A 99 8.98 -3.42 -1.99
N GLU A 100 8.83 -4.17 -3.07
CA GLU A 100 7.88 -3.77 -4.10
C GLU A 100 6.44 -4.02 -3.68
N TRP A 101 6.23 -5.01 -2.83
CA TRP A 101 4.89 -5.30 -2.34
C TRP A 101 4.48 -4.20 -1.37
N LYS A 102 5.42 -3.77 -0.53
CA LYS A 102 5.14 -2.72 0.43
C LYS A 102 4.83 -1.41 -0.27
N ARG A 103 5.45 -1.18 -1.42
CA ARG A 103 5.17 0.02 -2.18
C ARG A 103 3.80 -0.08 -2.78
N ARG A 104 3.42 -1.28 -3.22
CA ARG A 104 2.11 -1.47 -3.80
C ARG A 104 1.03 -1.39 -2.73
N GLN A 105 1.44 -1.50 -1.46
CA GLN A 105 0.50 -1.47 -0.37
C GLN A 105 0.25 -0.03 -0.07
N GLN A 106 1.30 0.78 -0.18
CA GLN A 106 1.13 2.20 0.03
C GLN A 106 0.12 2.75 -0.97
N SER A 107 0.29 2.41 -2.24
CA SER A 107 -0.61 2.87 -3.28
C SER A 107 -2.02 2.38 -3.05
N ALA A 108 -2.17 1.13 -2.65
CA ALA A 108 -3.49 0.56 -2.42
C ALA A 108 -4.22 1.28 -1.30
N CYS A 109 -3.48 1.64 -0.26
CA CYS A 109 -4.10 2.36 0.84
C CYS A 109 -4.67 3.68 0.36
N ILE A 110 -4.02 4.29 -0.61
CA ILE A 110 -4.48 5.58 -1.12
C ILE A 110 -5.35 5.50 -2.39
N GLY A 111 -5.98 4.35 -2.62
CA GLY A 111 -6.86 4.22 -3.77
C GLY A 111 -6.28 3.64 -5.04
N GLY A 112 -5.09 3.09 -4.98
CA GLY A 112 -4.44 2.54 -6.14
C GLY A 112 -4.92 1.14 -6.45
N PRO A 113 -4.13 0.38 -7.26
CA PRO A 113 -4.67 -0.93 -7.60
C PRO A 113 -4.48 -1.91 -6.48
N PRO A 114 -5.34 -2.92 -6.41
CA PRO A 114 -5.28 -3.82 -5.26
C PRO A 114 -4.02 -4.63 -5.03
N ASN A 115 -3.71 -4.85 -3.75
CA ASN A 115 -2.54 -5.63 -3.38
C ASN A 115 -2.62 -7.09 -3.77
N ALA A 116 -1.49 -7.65 -4.18
CA ALA A 116 -1.45 -9.07 -4.43
C ALA A 116 -1.47 -9.80 -3.10
N CYS A 117 -2.04 -11.00 -3.06
CA CYS A 117 -2.01 -11.79 -1.83
C CYS A 117 -0.57 -12.18 -1.51
N LEU A 118 -0.25 -12.26 -0.22
CA LEU A 118 1.11 -12.61 0.18
C LEU A 118 1.56 -14.03 0.01
N ASP A 119 0.64 -14.92 -0.29
CA ASP A 119 1.02 -16.34 -0.30
C ASP A 119 2.18 -16.74 -1.21
N GLN A 120 2.39 -16.09 -2.34
CA GLN A 120 3.57 -16.46 -3.12
C GLN A 120 4.83 -16.17 -2.33
N LEU A 121 4.86 -15.04 -1.64
CA LEU A 121 6.08 -14.66 -0.93
C LEU A 121 6.18 -15.49 0.32
N GLN A 122 5.06 -15.92 0.86
CA GLN A 122 5.08 -16.79 2.02
C GLN A 122 5.74 -18.09 1.65
N ASN A 123 5.37 -18.65 0.51
CA ASN A 123 5.92 -19.92 0.08
C ASN A 123 7.42 -19.83 -0.06
N TRP A 124 7.88 -18.77 -0.70
CA TRP A 124 9.30 -18.58 -0.92
C TRP A 124 10.06 -18.39 0.38
N PHE A 125 9.49 -17.63 1.30
CA PHE A 125 10.17 -17.31 2.55
C PHE A 125 10.21 -18.55 3.42
N THR A 126 9.23 -19.41 3.28
CA THR A 126 9.13 -20.55 4.15
C THR A 126 10.07 -21.64 3.67
N ILE A 127 10.20 -21.81 2.36
CA ILE A 127 11.15 -22.79 1.86
C ILE A 127 12.59 -22.44 2.22
N VAL A 128 12.97 -21.17 2.12
CA VAL A 128 14.34 -20.84 2.42
C VAL A 128 14.54 -20.95 3.94
N ALA A 129 13.49 -20.78 4.71
CA ALA A 129 13.62 -20.90 6.14
C ALA A 129 13.79 -22.35 6.55
N GLU A 130 12.99 -23.21 5.95
CA GLU A 130 13.09 -24.64 6.24
C GLU A 130 14.46 -25.15 5.86
N SER A 131 14.96 -24.66 4.74
CA SER A 131 16.28 -25.08 4.28
C SER A 131 17.37 -24.64 5.25
N LEU A 132 17.29 -23.42 5.77
CA LEU A 132 18.28 -22.96 6.72
C LEU A 132 18.18 -23.72 8.04
N GLN A 133 16.98 -24.12 8.42
CA GLN A 133 16.80 -24.92 9.63
C GLN A 133 17.51 -26.26 9.45
N GLN A 134 17.39 -26.84 8.26
CA GLN A 134 18.02 -28.12 8.01
C GLN A 134 19.52 -27.99 8.03
N VAL A 135 20.03 -26.91 7.47
CA VAL A 135 21.48 -26.69 7.45
C VAL A 135 22.02 -26.63 8.88
N ARG A 136 21.29 -26.00 9.78
CA ARG A 136 21.78 -25.87 11.13
C ARG A 136 21.83 -27.24 11.77
N GLN A 137 20.88 -28.10 11.42
CA GLN A 137 20.91 -29.49 11.89
C GLN A 137 22.07 -30.24 11.28
N GLN A 138 22.39 -29.96 10.00
CA GLN A 138 23.48 -30.60 9.26
C GLN A 138 24.84 -30.25 9.84
N LEU A 139 25.00 -29.01 10.29
CA LEU A 139 26.24 -28.55 10.91
C LEU A 139 26.39 -29.25 12.27
N LYS A 140 25.31 -29.54 12.98
CA LYS A 140 25.50 -30.14 14.29
C LYS A 140 25.86 -31.59 14.07
N LYS A 141 25.28 -32.24 13.06
CA LYS A 141 25.67 -33.61 12.75
C LYS A 141 27.14 -33.68 12.36
N LEU A 142 27.61 -32.72 11.59
CA LEU A 142 29.02 -32.69 11.19
C LEU A 142 29.92 -32.56 12.40
N GLU A 143 29.49 -31.77 13.37
CA GLU A 143 30.27 -31.62 14.59
C GLU A 143 30.34 -32.92 15.37
N GLU A 144 29.26 -33.69 15.35
CA GLU A 144 29.28 -34.98 16.01
C GLU A 144 30.30 -35.90 15.36
N LEU A 145 30.37 -35.89 14.04
CA LEU A 145 31.33 -36.70 13.34
C LEU A 145 32.74 -36.27 13.69
N GLU A 146 32.96 -34.96 13.77
CA GLU A 146 34.27 -34.44 14.11
C GLU A 146 34.68 -34.88 15.50
N GLN A 147 33.73 -34.86 16.43
CA GLN A 147 34.04 -35.29 17.79
C GLN A 147 34.46 -36.74 17.81
N LYS A 148 33.77 -37.58 17.06
CA LYS A 148 34.16 -38.99 16.98
C LYS A 148 35.50 -39.17 16.32
N TYR A 149 35.78 -38.41 15.28
CA TYR A 149 37.04 -38.53 14.56
C TYR A 149 37.48 -37.23 13.93
N THR A 150 38.68 -36.79 14.27
CA THR A 150 39.22 -35.56 13.69
C THR A 150 40.70 -35.74 13.40
N TYR A 151 41.19 -35.04 12.38
CA TYR A 151 42.60 -35.11 12.04
C TYR A 151 43.15 -33.71 11.82
N GLU A 152 44.46 -33.58 11.58
CA GLU A 152 45.01 -32.29 11.24
C GLU A 152 44.47 -31.87 9.89
N HIS A 153 44.18 -30.59 9.75
CA HIS A 153 43.59 -30.08 8.51
C HIS A 153 42.20 -30.63 8.24
N ASP A 154 41.44 -30.92 9.29
CA ASP A 154 40.08 -31.41 9.12
C ASP A 154 39.24 -30.27 8.58
N PRO A 155 38.50 -30.52 7.45
CA PRO A 155 37.64 -29.45 6.94
C PRO A 155 36.54 -29.01 7.89
N ILE A 156 35.96 -29.93 8.62
CA ILE A 156 34.89 -29.58 9.54
C ILE A 156 35.39 -28.62 10.60
N THR A 157 36.56 -28.90 11.17
CA THR A 157 37.12 -28.04 12.20
C THR A 157 37.43 -26.65 11.65
N LYS A 158 37.95 -26.60 10.43
CA LYS A 158 38.32 -25.32 9.83
C LYS A 158 37.14 -24.42 9.52
N ASN A 159 36.01 -25.01 9.14
CA ASN A 159 34.87 -24.18 8.73
C ASN A 159 33.68 -24.13 9.66
N LYS A 160 33.66 -24.96 10.69
CA LYS A 160 32.48 -25.01 11.57
C LYS A 160 32.03 -23.67 12.14
N GLN A 161 32.97 -22.84 12.57
CA GLN A 161 32.59 -21.56 13.19
C GLN A 161 31.90 -20.63 12.22
N VAL A 162 32.50 -20.41 11.06
CA VAL A 162 31.92 -19.55 10.04
C VAL A 162 30.60 -20.09 9.49
N LEU A 163 30.57 -21.37 9.12
CA LEU A 163 29.33 -21.95 8.61
C LEU A 163 28.18 -21.74 9.58
N TRP A 164 28.40 -21.94 10.87
CA TRP A 164 27.38 -21.70 11.90
C TRP A 164 26.97 -20.24 11.97
N ASP A 165 27.94 -19.34 12.01
CA ASP A 165 27.62 -17.93 12.09
C ASP A 165 26.84 -17.44 10.88
N ARG A 166 27.26 -17.84 9.68
CA ARG A 166 26.56 -17.46 8.46
C ARG A 166 25.12 -17.92 8.47
N THR A 167 24.92 -19.19 8.79
CA THR A 167 23.58 -19.74 8.74
C THR A 167 22.63 -19.00 9.68
N PHE A 168 23.09 -18.71 10.89
CA PHE A 168 22.26 -17.96 11.83
C PHE A 168 21.95 -16.56 11.34
N SER A 169 22.96 -15.90 10.81
CA SER A 169 22.77 -14.54 10.34
C SER A 169 21.72 -14.51 9.24
N LEU A 170 21.81 -15.45 8.32
CA LEU A 170 20.83 -15.51 7.25
C LEU A 170 19.43 -15.80 7.75
N PHE A 171 19.29 -16.76 8.67
CA PHE A 171 17.98 -17.11 9.20
C PHE A 171 17.39 -15.95 9.98
N GLN A 172 18.20 -15.28 10.77
CA GLN A 172 17.72 -14.15 11.55
C GLN A 172 17.23 -13.03 10.66
N GLN A 173 17.99 -12.72 9.62
CA GLN A 173 17.58 -11.70 8.66
C GLN A 173 16.28 -12.06 7.97
N LEU A 174 16.13 -13.32 7.60
CA LEU A 174 14.94 -13.73 6.87
C LEU A 174 13.68 -13.75 7.72
N ILE A 175 13.80 -14.06 8.99
CA ILE A 175 12.61 -14.17 9.80
C ILE A 175 12.28 -12.77 10.26
N GLN A 176 13.30 -11.98 10.54
CA GLN A 176 13.06 -10.57 10.89
C GLN A 176 12.37 -9.82 9.76
N SER A 177 12.85 -10.01 8.49
CA SER A 177 12.24 -9.37 7.32
C SER A 177 10.84 -9.90 7.01
N SER A 178 10.53 -11.12 7.39
CA SER A 178 9.23 -11.73 7.13
C SER A 178 8.13 -11.23 8.03
N PHE A 179 8.48 -10.42 9.02
CA PHE A 179 7.49 -9.85 9.95
C PHE A 179 6.97 -8.58 9.31
N VAL A 180 5.71 -8.58 8.91
CA VAL A 180 5.15 -7.49 8.15
C VAL A 180 3.77 -7.08 8.58
N VAL A 181 3.47 -5.80 8.33
CA VAL A 181 2.12 -5.29 8.54
C VAL A 181 1.36 -5.63 7.26
N GLU A 182 0.47 -6.61 7.33
CA GLU A 182 -0.33 -7.04 6.17
C GLU A 182 -1.48 -6.09 5.88
N ARG A 183 -2.09 -5.58 6.93
CA ARG A 183 -3.15 -4.59 6.75
C ARG A 183 -2.90 -3.42 7.69
N GLN A 184 -2.68 -2.24 7.13
CA GLN A 184 -2.33 -1.03 7.86
C GLN A 184 -3.41 -0.57 8.85
N PRO A 185 -3.03 0.22 9.89
CA PRO A 185 -4.13 0.62 10.79
C PRO A 185 -5.28 1.33 10.12
N CYS A 186 -6.51 0.93 10.44
CA CYS A 186 -7.69 1.54 9.83
C CYS A 186 -8.92 1.39 10.70
N MET A 187 -9.71 2.45 10.79
CA MET A 187 -10.96 2.40 11.54
C MET A 187 -11.96 1.60 10.67
N PRO A 188 -12.61 0.55 11.23
CA PRO A 188 -13.53 -0.16 10.33
C PRO A 188 -14.72 0.66 9.84
N THR A 189 -15.03 1.74 10.55
CA THR A 189 -16.13 2.62 10.18
C THR A 189 -15.73 3.53 9.03
N HIS A 190 -14.43 3.63 8.76
CA HIS A 190 -13.94 4.43 7.65
C HIS A 190 -12.99 3.55 6.85
N PRO A 191 -13.50 2.53 6.11
CA PRO A 191 -12.54 1.61 5.49
C PRO A 191 -11.67 2.13 4.34
N GLN A 192 -12.16 3.11 3.58
CA GLN A 192 -11.40 3.65 2.47
C GLN A 192 -10.47 4.76 2.94
N ARG A 193 -10.48 5.04 4.24
CA ARG A 193 -9.64 6.09 4.82
C ARG A 193 -8.60 5.51 5.82
N PRO A 194 -7.56 4.79 5.35
CA PRO A 194 -6.63 4.15 6.27
C PRO A 194 -5.59 5.13 6.80
N LEU A 195 -4.93 4.81 7.90
CA LEU A 195 -3.87 5.65 8.46
C LEU A 195 -4.34 6.97 9.07
N VAL A 196 -5.64 7.18 9.15
CA VAL A 196 -6.15 8.37 9.82
C VAL A 196 -6.94 7.77 10.95
N LEU A 197 -6.55 8.07 12.19
CA LEU A 197 -7.21 7.45 13.33
C LEU A 197 -7.84 8.46 14.26
N LYS A 198 -9.07 8.21 14.68
CA LYS A 198 -9.75 9.14 15.55
C LYS A 198 -9.76 8.67 16.98
N THR A 199 -9.45 9.57 17.89
CA THR A 199 -9.42 9.21 19.30
C THR A 199 -10.76 8.74 19.79
N GLY A 200 -10.77 7.71 20.61
CA GLY A 200 -12.01 7.20 21.15
C GLY A 200 -12.74 6.25 20.24
N VAL A 201 -12.12 5.88 19.12
CA VAL A 201 -12.79 5.03 18.15
C VAL A 201 -11.99 3.75 17.93
N GLN A 202 -12.65 2.68 17.51
CA GLN A 202 -11.98 1.41 17.35
C GLN A 202 -11.23 1.35 16.03
N PHE A 203 -10.02 0.77 16.05
CA PHE A 203 -9.31 0.58 14.79
C PHE A 203 -8.65 -0.78 14.77
N THR A 204 -8.27 -1.23 13.59
CA THR A 204 -7.74 -2.57 13.40
C THR A 204 -6.41 -2.64 12.66
N VAL A 205 -5.49 -3.49 13.10
CA VAL A 205 -4.24 -3.69 12.35
C VAL A 205 -3.95 -5.20 12.25
N LYS A 206 -3.40 -5.66 11.12
CA LYS A 206 -3.06 -7.07 10.96
C LYS A 206 -1.59 -7.31 10.70
N LEU A 207 -0.96 -8.22 11.45
CA LEU A 207 0.43 -8.55 11.24
C LEU A 207 0.55 -9.95 10.66
N ARG A 208 1.60 -10.21 9.89
CA ARG A 208 1.81 -11.53 9.32
C ARG A 208 3.26 -11.93 9.27
N LEU A 209 3.56 -13.17 9.63
CA LEU A 209 4.93 -13.65 9.51
C LEU A 209 4.99 -14.51 8.26
N LEU A 210 5.77 -14.07 7.29
CA LEU A 210 5.88 -14.77 6.01
C LEU A 210 6.52 -16.14 6.15
N VAL A 211 7.40 -16.29 7.11
CA VAL A 211 7.96 -17.59 7.34
C VAL A 211 6.92 -18.32 8.17
N LYS A 212 6.23 -19.25 7.56
CA LYS A 212 5.17 -19.96 8.25
C LYS A 212 5.70 -21.31 8.66
N LEU A 213 6.16 -21.41 9.88
CA LEU A 213 6.70 -22.67 10.34
C LEU A 213 5.75 -23.21 11.37
N GLN A 214 5.38 -24.47 11.23
CA GLN A 214 4.42 -25.07 12.13
C GLN A 214 4.78 -24.95 13.60
N GLU A 215 6.04 -25.09 13.92
CA GLU A 215 6.48 -24.96 15.29
C GLU A 215 6.20 -23.58 15.87
N LEU A 216 6.00 -22.59 15.02
CA LEU A 216 5.79 -21.24 15.51
C LEU A 216 4.33 -20.95 15.83
N ASN A 217 3.44 -21.85 15.48
CA ASN A 217 2.01 -21.60 15.69
C ASN A 217 1.69 -21.48 17.16
N TYR A 218 0.98 -20.43 17.56
CA TYR A 218 0.57 -20.20 18.95
C TYR A 218 1.71 -19.86 19.88
N ASN A 219 2.89 -19.61 19.34
CA ASN A 219 4.04 -19.38 20.19
C ASN A 219 4.57 -17.96 20.20
N LEU A 220 4.25 -17.16 19.19
CA LEU A 220 4.80 -15.83 19.14
C LEU A 220 3.82 -14.80 19.62
N LYS A 221 4.22 -14.01 20.60
CA LYS A 221 3.33 -13.01 21.18
C LYS A 221 3.71 -11.63 20.74
N VAL A 222 2.83 -11.00 20.00
CA VAL A 222 3.08 -9.68 19.44
C VAL A 222 2.55 -8.59 20.36
N LYS A 223 3.42 -7.61 20.67
CA LYS A 223 3.11 -6.46 21.49
C LYS A 223 3.11 -5.19 20.58
N VAL A 224 2.06 -4.33 20.69
CA VAL A 224 1.85 -3.05 19.97
C VAL A 224 2.39 -1.96 20.85
N LEU A 225 3.14 -1.03 20.27
CA LEU A 225 3.63 0.10 21.01
C LEU A 225 3.35 1.36 20.21
N PHE A 226 3.08 2.47 20.90
CA PHE A 226 2.79 3.72 20.21
C PHE A 226 3.92 4.72 20.31
N ASP A 227 4.48 5.09 19.19
CA ASP A 227 5.53 6.08 19.14
C ASP A 227 6.84 5.65 19.79
N LYS A 228 7.20 4.39 19.60
CA LYS A 228 8.46 3.90 20.14
C LYS A 228 9.64 4.49 19.38
N ASP A 229 10.62 5.00 20.11
CA ASP A 229 11.81 5.62 19.50
C ASP A 229 11.46 6.77 18.56
N VAL A 230 10.47 7.58 18.95
CA VAL A 230 10.08 8.72 18.15
C VAL A 230 10.74 9.97 18.73
N ASN A 231 11.81 10.41 18.09
CA ASN A 231 12.56 11.58 18.54
C ASN A 231 11.77 12.89 18.45
N GLU A 232 10.69 12.93 17.62
CA GLU A 232 9.86 14.13 17.48
C GLU A 232 9.14 14.47 18.78
N ARG A 233 8.90 13.49 19.66
CA ARG A 233 8.28 13.84 20.93
C ARG A 233 9.21 14.70 21.75
N ASN A 234 10.49 14.67 21.44
CA ASN A 234 11.47 15.54 22.08
C ASN A 234 11.84 16.77 21.24
N THR A 235 12.11 16.57 19.93
CA THR A 235 12.55 17.63 19.00
C THR A 235 11.46 18.56 18.47
N VAL A 236 10.21 18.10 18.45
CA VAL A 236 9.13 18.92 17.92
C VAL A 236 8.30 19.50 19.05
N LYS A 237 8.27 20.83 19.10
CA LYS A 237 7.51 21.48 20.16
C LYS A 237 6.04 21.18 19.99
N GLY A 238 5.36 20.95 21.10
CA GLY A 238 3.95 20.63 21.04
C GLY A 238 3.58 19.23 20.60
N PHE A 239 4.55 18.33 20.49
CA PHE A 239 4.25 16.99 19.97
C PHE A 239 3.35 16.24 20.93
N ARG A 240 2.27 15.70 20.41
CA ARG A 240 1.30 15.04 21.26
C ARG A 240 1.64 13.62 21.64
N LYS A 241 1.13 13.18 22.79
CA LYS A 241 1.40 11.84 23.27
C LYS A 241 0.10 11.07 23.50
N PHE A 242 0.07 9.81 23.10
CA PHE A 242 -1.13 9.02 23.25
C PHE A 242 -0.89 7.64 23.86
N ASN A 243 -1.92 7.04 24.45
CA ASN A 243 -1.81 5.67 24.94
C ASN A 243 -2.80 4.76 24.24
N ILE A 244 -2.44 3.50 24.13
CA ILE A 244 -3.31 2.55 23.42
C ILE A 244 -4.22 1.93 24.44
N LEU A 245 -5.51 2.04 24.25
CA LEU A 245 -6.43 1.33 25.16
C LEU A 245 -6.81 0.02 24.49
N GLY A 246 -7.17 -0.95 25.29
CA GLY A 246 -7.41 -2.25 24.67
C GLY A 246 -6.18 -3.12 24.81
N THR A 247 -6.28 -4.32 24.31
CA THR A 247 -5.24 -5.30 24.55
C THR A 247 -4.05 -5.02 23.65
N HIS A 248 -2.87 -4.94 24.23
CA HIS A 248 -1.67 -4.64 23.47
C HIS A 248 -1.01 -5.89 22.97
N THR A 249 -1.51 -7.05 23.38
CA THR A 249 -0.87 -8.30 23.00
C THR A 249 -1.79 -9.27 22.30
N LYS A 250 -1.24 -10.03 21.35
CA LYS A 250 -2.02 -11.02 20.60
C LYS A 250 -1.08 -12.12 20.17
N VAL A 251 -1.51 -13.36 20.29
CA VAL A 251 -0.69 -14.48 19.82
C VAL A 251 -0.87 -14.70 18.31
N MET A 252 0.21 -15.02 17.60
CA MET A 252 0.08 -15.30 16.18
C MET A 252 -0.39 -16.72 15.95
N ASN A 253 -1.41 -16.88 15.11
CA ASN A 253 -1.96 -18.19 14.86
C ASN A 253 -2.18 -18.51 13.40
N MET A 254 -2.31 -19.78 13.07
CA MET A 254 -2.58 -20.19 11.73
C MET A 254 -4.02 -20.61 11.54
N GLY A 260 -3.83 -21.13 4.83
CA GLY A 260 -3.61 -20.58 6.15
C GLY A 260 -2.47 -19.58 6.15
N SER A 261 -2.40 -18.76 7.18
CA SER A 261 -1.33 -17.79 7.30
C SER A 261 -1.04 -17.65 8.77
N LEU A 262 0.21 -17.44 9.14
CA LEU A 262 0.55 -17.23 10.54
C LEU A 262 0.35 -15.76 10.74
N ALA A 263 -0.70 -15.38 11.45
CA ALA A 263 -1.01 -13.96 11.55
C ALA A 263 -1.57 -13.49 12.87
N ALA A 264 -1.50 -12.19 13.12
CA ALA A 264 -2.04 -11.62 14.34
C ALA A 264 -2.89 -10.38 14.04
N GLU A 265 -4.20 -10.50 14.20
CA GLU A 265 -5.07 -9.36 13.97
C GLU A 265 -5.48 -8.66 15.25
N PHE A 266 -5.13 -7.39 15.35
CA PHE A 266 -5.50 -6.60 16.50
C PHE A 266 -6.79 -5.88 16.22
N ARG A 267 -7.86 -6.28 16.91
CA ARG A 267 -9.14 -5.65 16.74
C ARG A 267 -9.28 -4.86 18.01
N HIS A 268 -10.23 -3.93 18.06
CA HIS A 268 -10.50 -3.20 19.30
C HIS A 268 -9.36 -2.40 19.90
N LEU A 269 -8.56 -1.75 19.05
CA LEU A 269 -7.50 -0.88 19.54
C LEU A 269 -8.06 0.53 19.63
N GLN A 270 -7.52 1.36 20.52
CA GLN A 270 -8.07 2.70 20.72
C GLN A 270 -7.01 3.70 21.18
N LEU A 271 -7.02 4.90 20.62
CA LEU A 271 -6.05 5.92 21.03
C LEU A 271 -6.63 6.99 21.95
N LYS A 272 -5.94 7.31 23.03
CA LYS A 272 -6.39 8.36 23.95
C LYS A 272 -5.25 9.30 24.25
N GLU A 273 -5.50 10.59 24.15
CA GLU A 273 -4.47 11.59 24.41
C GLU A 273 -4.01 11.59 25.86
N GLN A 274 -2.78 11.99 26.10
CA GLN A 274 -2.28 12.09 27.46
C GLN A 274 -2.58 13.43 28.13
N LYS A 275 -2.81 13.40 29.43
CA LYS A 275 -3.12 14.61 30.20
C LYS A 275 -1.85 15.37 30.57
N GLY A 284 3.88 25.00 18.28
CA GLY A 284 3.21 24.10 17.36
C GLY A 284 3.66 24.20 15.93
N PRO A 285 4.89 23.71 15.60
CA PRO A 285 5.24 23.78 14.17
C PRO A 285 4.37 22.90 13.30
N LEU A 286 3.92 21.77 13.83
CA LEU A 286 3.09 20.85 13.08
C LEU A 286 1.66 20.88 13.55
N ILE A 287 0.72 21.05 12.62
CA ILE A 287 -0.69 21.02 13.01
C ILE A 287 -1.12 19.59 13.25
N VAL A 288 -2.27 19.40 13.90
CA VAL A 288 -2.75 18.06 14.22
C VAL A 288 -2.77 17.19 12.98
N THR A 289 -3.30 17.71 11.89
CA THR A 289 -3.44 16.94 10.65
C THR A 289 -2.12 16.61 9.98
N GLU A 290 -1.09 17.42 10.22
CA GLU A 290 0.25 17.10 9.72
C GLU A 290 1.17 16.31 10.66
N GLU A 291 0.77 16.13 11.91
CA GLU A 291 1.57 15.37 12.86
C GLU A 291 1.52 13.89 12.53
N LEU A 292 2.68 13.25 12.43
CA LEU A 292 2.73 11.84 12.07
C LEU A 292 3.23 10.94 13.19
N HIS A 293 2.48 9.89 13.48
CA HIS A 293 2.85 8.96 14.53
C HIS A 293 3.12 7.57 13.96
N SER A 294 3.55 6.63 14.80
CA SER A 294 3.84 5.27 14.35
C SER A 294 3.42 4.15 15.31
N LEU A 295 2.89 3.05 14.77
CA LEU A 295 2.59 1.92 15.61
C LEU A 295 3.70 0.92 15.38
N SER A 296 4.29 0.42 16.45
CA SER A 296 5.37 -0.54 16.32
C SER A 296 4.93 -1.87 16.86
N PHE A 297 5.47 -2.94 16.32
CA PHE A 297 5.05 -4.28 16.73
C PHE A 297 6.25 -5.12 17.08
N GLU A 298 6.19 -5.81 18.21
CA GLU A 298 7.34 -6.57 18.68
C GLU A 298 7.05 -7.97 19.15
N THR A 299 7.94 -8.89 18.83
CA THR A 299 7.85 -10.26 19.29
C THR A 299 9.27 -10.87 19.37
N GLN A 300 9.38 -12.05 19.94
CA GLN A 300 10.69 -12.70 20.07
C GLN A 300 10.56 -14.18 19.93
N LEU A 301 11.40 -14.79 19.11
CA LEU A 301 11.39 -16.23 18.98
C LEU A 301 12.38 -16.74 19.99
N CYS A 302 11.92 -17.62 20.88
CA CYS A 302 12.82 -18.19 21.86
C CYS A 302 12.80 -19.70 21.82
N GLN A 303 13.94 -20.29 21.50
CA GLN A 303 14.05 -21.73 21.48
C GLN A 303 15.35 -22.13 22.22
N PRO A 304 15.53 -23.43 22.61
CA PRO A 304 16.82 -23.75 23.25
C PRO A 304 18.00 -23.48 22.29
N GLY A 305 18.90 -22.58 22.67
CA GLY A 305 20.02 -22.23 21.81
C GLY A 305 19.68 -21.26 20.69
N LEU A 306 18.48 -20.69 20.72
CA LEU A 306 18.04 -19.78 19.64
C LEU A 306 17.17 -18.62 20.11
N VAL A 307 17.68 -17.40 20.04
CA VAL A 307 16.86 -16.23 20.36
C VAL A 307 16.88 -15.17 19.25
N ILE A 308 15.70 -14.71 18.81
CA ILE A 308 15.60 -13.71 17.74
C ILE A 308 14.59 -12.64 18.08
N ASP A 309 14.96 -11.38 17.97
CA ASP A 309 13.99 -10.31 18.19
C ASP A 309 13.36 -9.90 16.86
N LEU A 310 12.03 -9.83 16.82
CA LEU A 310 11.32 -9.47 15.60
C LEU A 310 10.56 -8.16 15.79
N GLU A 311 10.77 -7.21 14.89
CA GLU A 311 10.08 -5.93 14.99
C GLU A 311 9.63 -5.35 13.65
N THR A 312 8.49 -4.65 13.62
CA THR A 312 8.04 -3.96 12.41
C THR A 312 7.15 -2.78 12.76
N THR A 313 7.04 -1.82 11.84
CA THR A 313 6.19 -0.66 12.08
C THR A 313 5.12 -0.45 11.02
N SER A 314 4.05 0.26 11.36
CA SER A 314 3.04 0.60 10.41
C SER A 314 3.54 1.75 9.59
N LEU A 315 2.75 2.16 8.62
CA LEU A 315 3.07 3.34 7.88
C LEU A 315 2.66 4.52 8.80
N PRO A 316 3.20 5.73 8.58
CA PRO A 316 2.83 6.85 9.46
C PRO A 316 1.32 7.10 9.58
N VAL A 317 0.84 7.36 10.78
CA VAL A 317 -0.58 7.62 10.98
C VAL A 317 -0.88 9.02 11.48
N VAL A 318 -2.02 9.57 11.08
CA VAL A 318 -2.44 10.88 11.57
C VAL A 318 -3.55 10.65 12.56
N VAL A 319 -3.45 11.26 13.73
CA VAL A 319 -4.46 11.08 14.75
C VAL A 319 -5.32 12.32 14.90
N ILE A 320 -6.62 12.15 14.75
CA ILE A 320 -7.53 13.28 14.84
C ILE A 320 -8.50 13.15 16.00
N SER A 321 -8.92 14.27 16.54
CA SER A 321 -9.92 14.25 17.61
C SER A 321 -11.32 14.47 17.10
N ASN A 322 -11.46 14.95 15.86
CA ASN A 322 -12.78 15.21 15.30
C ASN A 322 -12.92 14.72 13.87
N VAL A 323 -14.09 14.22 13.50
CA VAL A 323 -14.33 13.73 12.14
C VAL A 323 -14.22 14.84 11.11
N SER A 324 -14.37 16.07 11.55
CA SER A 324 -14.25 17.22 10.66
C SER A 324 -12.86 17.31 10.10
N GLN A 325 -11.89 16.74 10.79
CA GLN A 325 -10.50 16.90 10.38
C GLN A 325 -10.09 15.78 9.45
N LEU A 326 -10.99 14.86 9.16
CA LEU A 326 -10.68 13.70 8.31
C LEU A 326 -10.26 14.02 6.88
N PRO A 327 -10.95 14.96 6.22
CA PRO A 327 -10.45 15.26 4.87
C PRO A 327 -9.03 15.82 4.87
N SER A 328 -8.71 16.71 5.80
CA SER A 328 -7.36 17.25 5.89
C SER A 328 -6.33 16.20 6.26
N GLY A 329 -6.68 15.30 7.18
CA GLY A 329 -5.78 14.24 7.57
C GLY A 329 -5.52 13.32 6.40
N TRP A 330 -6.55 13.05 5.62
CA TRP A 330 -6.42 12.20 4.45
C TRP A 330 -5.47 12.82 3.43
N ALA A 331 -5.52 14.13 3.29
CA ALA A 331 -4.65 14.82 2.35
C ALA A 331 -3.21 14.60 2.73
N SER A 332 -2.94 14.48 4.02
CA SER A 332 -1.58 14.32 4.47
C SER A 332 -1.11 12.89 4.25
N ILE A 333 -2.01 11.93 4.36
CA ILE A 333 -1.68 10.55 4.08
C ILE A 333 -1.38 10.39 2.60
N LEU A 334 -2.18 11.07 1.78
CA LEU A 334 -1.99 11.00 0.34
C LEU A 334 -0.66 11.55 -0.05
N TRP A 335 -0.28 12.67 0.54
CA TRP A 335 0.98 13.30 0.18
C TRP A 335 2.18 12.42 0.55
N TYR A 336 2.19 11.91 1.76
CA TYR A 336 3.27 11.05 2.19
C TYR A 336 3.40 9.83 1.34
N ASN A 337 2.33 9.07 1.20
CA ASN A 337 2.37 7.81 0.48
C ASN A 337 2.71 8.00 -0.98
N MET A 338 2.26 9.09 -1.57
CA MET A 338 2.58 9.38 -2.96
C MET A 338 4.05 9.73 -3.15
N LEU A 339 4.62 10.44 -2.20
CA LEU A 339 5.98 10.95 -2.37
C LEU A 339 7.09 10.21 -1.62
N VAL A 340 6.74 9.44 -0.61
CA VAL A 340 7.76 8.81 0.24
C VAL A 340 7.57 7.30 0.26
N ALA A 341 8.66 6.55 0.23
CA ALA A 341 8.60 5.10 0.26
C ALA A 341 9.13 4.55 1.56
N GLU A 342 9.21 5.39 2.57
CA GLU A 342 9.77 4.99 3.84
C GLU A 342 8.68 4.96 4.90
N PRO A 343 8.80 4.03 5.86
CA PRO A 343 7.81 3.94 6.92
C PRO A 343 7.97 4.93 8.06
N ARG A 344 9.09 5.64 8.17
CA ARG A 344 9.29 6.50 9.32
C ARG A 344 9.80 7.92 9.13
N ASN A 345 9.39 8.59 8.07
CA ASN A 345 9.72 10.00 7.90
C ASN A 345 8.63 10.79 8.61
N LEU A 346 8.71 10.83 9.94
CA LEU A 346 7.70 11.52 10.72
C LEU A 346 7.83 13.04 10.69
N SER A 347 8.94 13.54 10.21
CA SER A 347 9.14 14.98 10.10
C SER A 347 8.90 15.44 8.70
N PHE A 348 8.09 14.69 7.96
CA PHE A 348 7.83 15.00 6.55
C PHE A 348 7.22 16.36 6.34
N PHE A 349 6.30 16.76 7.20
CA PHE A 349 5.59 18.03 7.00
C PHE A 349 6.26 19.27 7.56
N LEU A 350 7.40 19.10 8.23
CA LEU A 350 8.16 20.27 8.66
C LEU A 350 8.64 21.00 7.44
N THR A 351 9.10 20.25 6.44
CA THR A 351 9.52 20.86 5.19
C THR A 351 8.92 20.05 4.06
N PRO A 352 7.60 20.17 3.84
CA PRO A 352 6.99 19.30 2.83
C PRO A 352 7.46 19.54 1.40
N PRO A 353 7.69 18.45 0.65
CA PRO A 353 8.10 18.57 -0.75
C PRO A 353 6.94 18.77 -1.73
N CYS A 354 7.25 19.13 -2.96
CA CYS A 354 6.21 19.35 -3.95
C CYS A 354 6.02 18.11 -4.81
N ALA A 355 4.83 17.95 -5.35
CA ALA A 355 4.52 16.79 -6.17
C ALA A 355 4.42 17.16 -7.62
N ARG A 356 4.76 16.24 -8.51
CA ARG A 356 4.57 16.52 -9.92
C ARG A 356 3.11 16.32 -10.22
N TRP A 357 2.62 16.96 -11.28
CA TRP A 357 1.23 16.81 -11.67
C TRP A 357 0.91 15.39 -12.03
N ALA A 358 1.84 14.73 -12.69
CA ALA A 358 1.58 13.39 -13.15
C ALA A 358 1.25 12.46 -12.00
N GLN A 359 2.00 12.53 -10.92
CA GLN A 359 1.66 11.73 -9.76
C GLN A 359 0.35 12.12 -9.10
N LEU A 360 0.12 13.42 -8.93
CA LEU A 360 -1.10 13.90 -8.30
C LEU A 360 -2.34 13.56 -9.10
N SER A 361 -2.25 13.66 -10.42
CA SER A 361 -3.39 13.38 -11.25
C SER A 361 -3.84 11.96 -11.11
N GLU A 362 -2.89 11.04 -11.03
CA GLU A 362 -3.22 9.65 -10.85
C GLU A 362 -3.91 9.44 -9.52
N VAL A 363 -3.39 10.08 -8.48
CA VAL A 363 -3.95 9.91 -7.15
C VAL A 363 -5.34 10.52 -7.06
N LEU A 364 -5.53 11.66 -7.70
CA LEU A 364 -6.83 12.30 -7.68
C LEU A 364 -7.84 11.43 -8.39
N SER A 365 -7.44 10.83 -9.49
CA SER A 365 -8.32 9.91 -10.22
C SER A 365 -8.65 8.73 -9.33
N TRP A 366 -7.68 8.27 -8.55
CA TRP A 366 -7.88 7.14 -7.64
C TRP A 366 -8.94 7.44 -6.61
N GLN A 367 -8.95 8.68 -6.13
CA GLN A 367 -9.92 9.10 -5.13
C GLN A 367 -11.31 8.88 -5.67
N PHE A 368 -11.53 9.31 -6.90
CA PHE A 368 -12.85 9.18 -7.52
C PHE A 368 -13.16 7.71 -7.78
N SER A 369 -12.19 6.97 -8.30
CA SER A 369 -12.40 5.56 -8.62
C SER A 369 -12.52 4.63 -7.43
N SER A 370 -12.21 5.11 -6.24
CA SER A 370 -12.39 4.30 -5.06
C SER A 370 -13.76 4.60 -4.50
N VAL A 371 -14.10 5.87 -4.37
CA VAL A 371 -15.43 6.27 -3.88
C VAL A 371 -16.54 5.86 -4.84
N THR A 372 -16.30 6.00 -6.13
CA THR A 372 -17.34 5.70 -7.12
C THR A 372 -16.89 4.54 -7.98
N LYS A 373 -17.57 4.30 -9.08
CA LYS A 373 -17.11 3.26 -10.00
C LYS A 373 -16.36 3.88 -11.16
N ARG A 374 -16.24 5.20 -11.17
CA ARG A 374 -15.59 5.88 -12.27
C ARG A 374 -14.50 6.84 -11.81
N GLY A 375 -13.36 6.84 -12.50
CA GLY A 375 -12.27 7.74 -12.19
C GLY A 375 -12.37 9.06 -12.90
N LEU A 376 -11.23 9.67 -13.23
CA LEU A 376 -11.20 10.93 -13.96
C LEU A 376 -10.49 10.78 -15.30
N ASN A 377 -11.00 11.42 -16.35
CA ASN A 377 -10.39 11.33 -17.69
C ASN A 377 -9.39 12.45 -17.88
N VAL A 378 -8.66 12.41 -19.01
CA VAL A 378 -7.66 13.41 -19.38
C VAL A 378 -8.26 14.81 -19.41
N ASP A 379 -9.46 14.95 -19.93
CA ASP A 379 -10.10 16.26 -20.02
C ASP A 379 -10.35 16.86 -18.65
N GLN A 380 -10.93 16.05 -17.76
CA GLN A 380 -11.20 16.51 -16.40
C GLN A 380 -9.93 16.86 -15.64
N LEU A 381 -8.88 16.07 -15.86
CA LEU A 381 -7.62 16.30 -15.19
C LEU A 381 -6.90 17.50 -15.76
N ASN A 382 -6.95 17.67 -17.08
CA ASN A 382 -6.35 18.88 -17.68
C ASN A 382 -6.96 20.17 -17.11
N MET A 383 -8.30 20.15 -16.88
CA MET A 383 -9.02 21.26 -16.28
C MET A 383 -8.42 21.49 -14.89
N LEU A 384 -8.36 20.45 -14.07
CA LEU A 384 -7.81 20.55 -12.71
C LEU A 384 -6.35 20.96 -12.70
N GLY A 385 -5.61 20.50 -13.69
CA GLY A 385 -4.21 20.85 -13.78
C GLY A 385 -4.05 22.33 -13.96
N GLU A 386 -4.92 22.93 -14.73
CA GLU A 386 -4.85 24.37 -14.92
C GLU A 386 -5.21 25.14 -13.66
N LYS A 387 -6.08 24.58 -12.84
CA LYS A 387 -6.44 25.23 -11.59
C LYS A 387 -5.25 25.27 -10.66
N LEU A 388 -4.44 24.23 -10.68
CA LEU A 388 -3.28 24.17 -9.81
C LEU A 388 -2.02 24.80 -10.39
N LEU A 389 -1.73 24.55 -11.66
CA LEU A 389 -0.49 25.04 -12.26
C LEU A 389 -0.64 26.22 -13.20
N GLY A 390 -1.83 26.40 -13.72
CA GLY A 390 -2.08 27.50 -14.64
C GLY A 390 -2.04 27.12 -16.12
N PRO A 391 -2.12 28.11 -17.05
CA PRO A 391 -2.19 27.73 -18.47
C PRO A 391 -0.97 26.97 -18.98
N ASN A 392 0.17 27.14 -18.29
CA ASN A 392 1.46 26.51 -18.58
C ASN A 392 1.56 25.05 -18.07
N ALA A 393 0.46 24.50 -17.48
CA ALA A 393 0.38 23.15 -16.91
C ALA A 393 1.10 22.10 -17.73
N SER A 394 1.96 21.33 -17.06
CA SER A 394 2.72 20.28 -17.72
C SER A 394 2.70 19.07 -16.79
N PRO A 395 3.02 17.85 -17.30
CA PRO A 395 2.95 16.75 -16.33
C PRO A 395 4.08 16.84 -15.32
N ASP A 396 5.09 17.64 -15.61
CA ASP A 396 6.22 17.77 -14.72
C ASP A 396 6.12 18.97 -13.82
N GLY A 397 5.01 19.69 -13.89
CA GLY A 397 4.82 20.83 -13.04
C GLY A 397 4.75 20.45 -11.59
N LEU A 398 5.32 21.29 -10.72
CA LEU A 398 5.37 20.96 -9.31
C LEU A 398 4.29 21.67 -8.50
N ILE A 399 3.51 20.90 -7.75
CA ILE A 399 2.47 21.47 -6.91
C ILE A 399 2.88 21.47 -5.43
N PRO A 400 3.06 22.66 -4.79
CA PRO A 400 3.37 22.66 -3.37
C PRO A 400 2.26 22.15 -2.48
N TRP A 401 2.60 21.64 -1.30
CA TRP A 401 1.60 21.15 -0.37
C TRP A 401 0.69 22.29 0.01
N THR A 402 1.26 23.48 0.09
CA THR A 402 0.48 24.65 0.44
C THR A 402 -0.54 25.03 -0.63
N ARG A 403 -0.33 24.58 -1.86
CA ARG A 403 -1.24 24.94 -2.95
C ARG A 403 -2.30 23.88 -3.07
N PHE A 404 -1.95 22.69 -2.62
CA PHE A 404 -2.94 21.62 -2.60
C PHE A 404 -3.93 21.70 -1.46
N CYS A 405 -3.51 21.98 -0.23
CA CYS A 405 -4.47 21.93 0.87
C CYS A 405 -4.53 23.15 1.80
N LYS A 406 -3.52 23.99 1.83
CA LYS A 406 -3.54 25.10 2.78
C LYS A 406 -4.03 26.45 2.23
N GLU A 407 -3.46 26.93 1.14
CA GLU A 407 -3.83 28.24 0.59
C GLU A 407 -5.19 28.29 -0.10
N ASN A 408 -5.77 29.48 -0.19
CA ASN A 408 -7.04 29.66 -0.88
C ASN A 408 -6.80 29.99 -2.35
N ILE A 409 -6.92 28.99 -3.21
CA ILE A 409 -6.70 29.22 -4.63
C ILE A 409 -7.96 29.71 -5.33
N LYS A 412 -9.71 32.50 -5.44
CA LYS A 412 -10.91 32.13 -4.70
C LYS A 412 -10.71 32.18 -3.20
N ASN A 413 -11.74 31.83 -2.44
CA ASN A 413 -11.66 31.89 -0.97
C ASN A 413 -11.44 30.54 -0.30
N PHE A 414 -11.17 29.51 -1.08
CA PHE A 414 -11.03 28.18 -0.50
C PHE A 414 -9.88 27.30 -1.04
N PRO A 415 -9.39 26.30 -0.25
CA PRO A 415 -8.34 25.44 -0.78
C PRO A 415 -8.81 24.41 -1.79
N PHE A 416 -7.91 23.98 -2.67
CA PHE A 416 -8.24 22.98 -3.68
C PHE A 416 -8.69 21.59 -3.23
N TRP A 417 -8.03 20.99 -2.23
CA TRP A 417 -8.40 19.63 -1.88
C TRP A 417 -9.72 19.59 -1.14
N LEU A 418 -10.06 20.68 -0.49
CA LEU A 418 -11.28 20.69 0.29
C LEU A 418 -12.41 20.84 -0.68
N TRP A 419 -12.17 21.56 -1.76
CA TRP A 419 -13.16 21.72 -2.79
C TRP A 419 -13.39 20.39 -3.49
N ILE A 420 -12.32 19.68 -3.82
CA ILE A 420 -12.43 18.39 -4.48
C ILE A 420 -13.13 17.37 -3.59
N GLU A 421 -12.82 17.39 -2.31
CA GLU A 421 -13.43 16.47 -1.35
C GLU A 421 -14.92 16.66 -1.26
N SER A 422 -15.37 17.91 -1.25
CA SER A 422 -16.78 18.19 -1.00
C SER A 422 -17.55 17.82 -2.23
N ILE A 423 -16.84 17.66 -3.33
CA ILE A 423 -17.47 17.29 -4.57
C ILE A 423 -17.67 15.80 -4.50
N LEU A 424 -16.69 15.11 -3.94
CA LEU A 424 -16.74 13.66 -3.92
C LEU A 424 -17.79 13.27 -2.91
N GLU A 425 -17.96 14.01 -1.84
CA GLU A 425 -19.05 13.65 -0.95
C GLU A 425 -20.41 13.95 -1.57
N LEU A 426 -20.52 14.94 -2.44
CA LEU A 426 -21.79 15.17 -3.11
C LEU A 426 -22.09 14.04 -4.06
N ILE A 427 -21.09 13.61 -4.84
CA ILE A 427 -21.25 12.49 -5.76
C ILE A 427 -21.67 11.21 -4.99
N LYS A 428 -20.99 10.90 -3.89
CA LYS A 428 -21.29 9.70 -3.12
C LYS A 428 -22.69 9.71 -2.58
N LYS A 429 -23.06 10.79 -1.91
CA LYS A 429 -24.39 10.90 -1.29
C LYS A 429 -25.57 11.19 -2.25
N HIS A 430 -25.32 11.87 -3.38
CA HIS A 430 -26.44 12.28 -4.25
C HIS A 430 -26.33 12.03 -5.75
N LEU A 431 -25.15 11.77 -6.28
CA LEU A 431 -25.00 11.68 -7.73
C LEU A 431 -24.31 10.45 -8.27
N LEU A 432 -24.26 9.38 -7.47
CA LEU A 432 -23.55 8.18 -7.89
C LEU A 432 -23.93 7.62 -9.27
N PRO A 433 -25.24 7.34 -9.49
CA PRO A 433 -25.50 6.73 -10.81
C PRO A 433 -25.23 7.63 -12.00
N LEU A 434 -25.33 8.94 -11.82
CA LEU A 434 -25.12 9.85 -12.92
C LEU A 434 -23.64 9.89 -13.25
N TRP A 435 -22.81 9.96 -12.22
CA TRP A 435 -21.36 9.97 -12.41
C TRP A 435 -20.86 8.69 -13.01
N ASN A 436 -21.34 7.56 -12.50
CA ASN A 436 -20.89 6.27 -12.99
C ASN A 436 -21.26 6.07 -14.43
N ASP A 437 -22.44 6.54 -14.82
CA ASP A 437 -22.90 6.29 -16.17
C ASP A 437 -22.30 7.24 -17.20
N GLY A 438 -21.53 8.23 -16.76
CA GLY A 438 -20.89 9.15 -17.68
C GLY A 438 -21.68 10.39 -18.01
N CYS A 439 -22.74 10.65 -17.24
CA CYS A 439 -23.61 11.79 -17.52
C CYS A 439 -23.00 13.14 -17.17
N ILE A 440 -22.12 13.17 -16.16
CA ILE A 440 -21.52 14.44 -15.75
C ILE A 440 -20.15 14.81 -16.31
N MET A 441 -20.05 15.91 -17.02
CA MET A 441 -18.77 16.41 -17.52
C MET A 441 -17.96 16.82 -16.31
N GLY A 442 -18.60 17.49 -15.37
CA GLY A 442 -17.95 17.84 -14.13
C GLY A 442 -16.88 18.90 -14.07
N PHE A 443 -15.75 18.63 -14.68
CA PHE A 443 -14.64 19.56 -14.61
C PHE A 443 -14.27 20.09 -15.98
N ILE A 444 -14.85 21.22 -16.34
CA ILE A 444 -14.59 21.81 -17.65
C ILE A 444 -14.45 23.31 -17.49
N SER A 445 -13.47 23.90 -18.15
CA SER A 445 -13.23 25.33 -18.00
C SER A 445 -14.34 26.12 -18.67
N LYS A 446 -14.47 27.39 -18.31
CA LYS A 446 -15.50 28.23 -18.90
C LYS A 446 -15.27 28.35 -20.38
N GLU A 447 -14.03 28.54 -20.78
CA GLU A 447 -13.69 28.63 -22.19
C GLU A 447 -13.99 27.34 -22.92
N ARG A 448 -13.66 26.20 -22.31
CA ARG A 448 -13.93 24.91 -22.92
C ARG A 448 -15.43 24.66 -23.05
N GLU A 449 -16.19 25.05 -22.04
CA GLU A 449 -17.63 24.89 -22.07
C GLU A 449 -18.18 25.71 -23.22
N ARG A 450 -17.64 26.90 -23.41
CA ARG A 450 -18.07 27.75 -24.50
C ARG A 450 -17.77 27.14 -25.85
N ALA A 451 -16.64 26.45 -25.98
CA ALA A 451 -16.27 25.94 -27.30
C ALA A 451 -17.02 24.68 -27.64
N LEU A 452 -17.38 23.89 -26.64
CA LEU A 452 -18.21 22.73 -26.89
C LEU A 452 -19.66 23.07 -27.08
N LEU A 453 -20.15 24.03 -26.31
CA LEU A 453 -21.57 24.38 -26.35
C LEU A 453 -21.96 25.16 -27.59
N LYS A 454 -21.10 26.06 -28.02
CA LYS A 454 -21.41 26.86 -29.19
C LYS A 454 -21.46 25.94 -30.37
N ASP A 455 -22.29 26.25 -31.36
CA ASP A 455 -22.41 25.44 -32.57
C ASP A 455 -23.15 24.16 -32.29
N GLN A 456 -23.79 24.06 -31.15
CA GLN A 456 -24.59 22.89 -30.86
C GLN A 456 -26.08 23.21 -30.91
N GLN A 457 -26.91 22.19 -30.81
CA GLN A 457 -28.36 22.37 -30.88
C GLN A 457 -28.96 23.34 -29.81
N PRO A 458 -30.07 24.04 -30.13
CA PRO A 458 -30.58 25.01 -29.16
C PRO A 458 -30.94 24.51 -27.76
N GLY A 459 -31.12 23.22 -27.51
CA GLY A 459 -31.40 22.84 -26.14
C GLY A 459 -30.30 22.03 -25.49
N THR A 460 -29.10 22.12 -26.02
CA THR A 460 -27.95 21.44 -25.42
C THR A 460 -27.44 21.93 -24.09
N PHE A 461 -27.29 20.99 -23.15
CA PHE A 461 -26.80 21.32 -21.82
C PHE A 461 -25.70 20.39 -21.34
N LEU A 462 -24.94 20.80 -20.33
CA LEU A 462 -23.91 19.96 -19.75
C LEU A 462 -23.93 20.11 -18.24
N LEU A 463 -23.62 19.02 -17.55
CA LEU A 463 -23.56 19.02 -16.09
C LEU A 463 -22.14 19.28 -15.62
N ARG A 464 -21.93 20.19 -14.69
CA ARG A 464 -20.60 20.38 -14.14
C ARG A 464 -20.60 20.93 -12.74
N PHE A 465 -19.47 20.77 -12.09
CA PHE A 465 -19.35 21.19 -10.71
C PHE A 465 -18.91 22.65 -10.59
N SER A 466 -19.40 23.35 -9.58
CA SER A 466 -19.06 24.75 -9.41
C SER A 466 -17.68 25.01 -8.82
N GLU A 467 -16.94 25.92 -9.42
CA GLU A 467 -15.65 26.27 -8.87
C GLU A 467 -15.75 27.37 -7.84
N SER A 468 -16.91 27.99 -7.73
CA SER A 468 -17.06 29.12 -6.84
C SER A 468 -17.69 28.70 -5.54
N SER A 469 -18.13 27.45 -5.49
CA SER A 469 -18.80 26.95 -4.30
C SER A 469 -17.92 26.11 -3.40
N ARG A 470 -17.71 26.54 -2.17
CA ARG A 470 -16.95 25.73 -1.22
C ARG A 470 -17.67 24.45 -0.87
N GLU A 471 -18.99 24.51 -0.70
CA GLU A 471 -19.75 23.35 -0.24
C GLU A 471 -19.71 22.12 -1.12
N GLY A 472 -19.66 22.30 -2.43
CA GLY A 472 -19.72 21.15 -3.29
C GLY A 472 -21.05 21.25 -3.97
N ALA A 473 -21.06 21.72 -5.21
CA ALA A 473 -22.34 21.94 -5.87
C ALA A 473 -22.36 21.47 -7.30
N ILE A 474 -23.55 21.35 -7.88
CA ILE A 474 -23.67 20.96 -9.28
C ILE A 474 -24.55 21.93 -10.04
N THR A 475 -24.25 22.15 -11.31
CA THR A 475 -24.97 23.13 -12.10
C THR A 475 -24.98 22.71 -13.55
N PHE A 476 -25.95 23.21 -14.29
CA PHE A 476 -26.06 22.89 -15.70
C PHE A 476 -26.00 24.15 -16.54
N THR A 477 -25.35 24.06 -17.69
CA THR A 477 -25.23 25.20 -18.57
C THR A 477 -25.82 24.84 -19.92
N TRP A 478 -26.76 25.64 -20.41
CA TRP A 478 -27.38 25.36 -21.70
C TRP A 478 -27.20 26.47 -22.73
N VAL A 479 -27.13 26.11 -24.00
CA VAL A 479 -26.99 27.09 -25.05
C VAL A 479 -28.37 27.37 -25.62
N GLU A 480 -28.64 28.58 -26.11
CA GLU A 480 -29.91 28.88 -26.77
C GLU A 480 -29.59 29.77 -27.95
N ARG A 481 -30.39 29.69 -29.02
CA ARG A 481 -30.17 30.57 -30.17
C ARG A 481 -30.55 32.01 -29.81
N SER A 482 -29.75 32.97 -30.27
CA SER A 482 -30.06 34.35 -29.99
C SER A 482 -31.40 34.59 -30.64
N PRO A 488 -24.47 32.10 -30.34
CA PRO A 488 -25.64 31.78 -29.53
C PRO A 488 -25.58 32.22 -28.08
N ASP A 489 -26.73 32.41 -27.45
CA ASP A 489 -26.78 32.78 -26.04
C ASP A 489 -26.45 31.62 -25.12
N PHE A 490 -25.77 31.89 -24.01
CA PHE A 490 -25.46 30.83 -23.06
C PHE A 490 -26.18 31.09 -21.75
N HIS A 491 -26.62 30.04 -21.07
CA HIS A 491 -27.35 30.21 -19.81
C HIS A 491 -26.91 29.19 -18.78
N ALA A 492 -26.87 29.59 -17.51
CA ALA A 492 -26.49 28.69 -16.44
C ALA A 492 -27.40 28.85 -15.23
N VAL A 493 -27.50 27.80 -14.42
CA VAL A 493 -28.37 27.85 -13.26
C VAL A 493 -27.58 28.09 -11.99
N GLU A 494 -28.23 28.60 -10.94
CA GLU A 494 -27.55 28.75 -9.68
C GLU A 494 -27.23 27.33 -9.19
N PRO A 495 -26.04 27.11 -8.57
CA PRO A 495 -25.67 25.75 -8.20
C PRO A 495 -26.51 25.03 -7.16
N TYR A 496 -26.54 23.71 -7.25
CA TYR A 496 -27.31 22.90 -6.33
C TYR A 496 -26.44 22.18 -5.31
N THR A 497 -26.61 22.52 -4.03
CA THR A 497 -25.84 21.88 -2.97
C THR A 497 -26.55 20.66 -2.45
N LYS A 498 -25.98 20.04 -1.44
CA LYS A 498 -26.57 18.85 -0.86
C LYS A 498 -27.96 19.12 -0.29
N LYS A 499 -28.17 20.29 0.27
CA LYS A 499 -29.45 20.60 0.87
C LYS A 499 -30.56 20.54 -0.16
N GLU A 500 -30.35 21.17 -1.31
CA GLU A 500 -31.33 21.09 -2.38
C GLU A 500 -31.46 19.66 -2.89
N LEU A 501 -30.36 18.95 -3.01
CA LEU A 501 -30.38 17.58 -3.49
C LEU A 501 -31.12 16.62 -2.56
N SER A 502 -31.02 16.83 -1.26
CA SER A 502 -31.72 15.98 -0.31
C SER A 502 -33.23 16.09 -0.48
N ALA A 503 -33.74 17.31 -0.63
CA ALA A 503 -35.18 17.48 -0.84
C ALA A 503 -35.68 16.92 -2.17
N VAL A 504 -34.97 17.21 -3.25
CA VAL A 504 -35.36 16.71 -4.57
C VAL A 504 -34.13 16.18 -5.27
N THR A 505 -34.25 15.02 -5.92
CA THR A 505 -33.13 14.44 -6.63
C THR A 505 -32.79 15.30 -7.82
N PHE A 506 -31.53 15.22 -8.27
CA PHE A 506 -31.10 16.02 -9.41
C PHE A 506 -31.65 15.55 -10.75
N PRO A 507 -31.96 14.25 -10.92
CA PRO A 507 -32.61 13.96 -12.20
C PRO A 507 -34.01 14.59 -12.21
N ASP A 508 -34.72 14.62 -11.08
CA ASP A 508 -36.00 15.29 -11.02
C ASP A 508 -35.88 16.79 -11.27
N ILE A 509 -34.77 17.37 -10.86
CA ILE A 509 -34.53 18.79 -11.06
C ILE A 509 -34.43 19.00 -12.54
N ILE A 510 -33.58 18.23 -13.20
CA ILE A 510 -33.42 18.35 -14.65
C ILE A 510 -34.76 18.15 -15.37
N ARG A 511 -35.54 17.18 -14.90
CA ARG A 511 -36.83 16.86 -15.53
C ARG A 511 -37.86 18.01 -15.40
N ASN A 512 -37.97 18.60 -14.21
CA ASN A 512 -38.93 19.63 -13.85
C ASN A 512 -38.40 21.05 -13.86
N TYR A 513 -37.25 21.30 -14.44
CA TYR A 513 -36.73 22.66 -14.52
C TYR A 513 -37.53 23.54 -15.47
N LYS A 514 -37.80 24.78 -15.09
CA LYS A 514 -38.60 25.66 -15.93
C LYS A 514 -38.07 27.08 -16.02
N VAL A 515 -38.08 27.66 -17.21
CA VAL A 515 -37.72 29.06 -17.34
C VAL A 515 -38.91 29.67 -18.07
N MET A 516 -39.17 30.95 -17.85
CA MET A 516 -40.25 31.57 -18.58
C MET A 516 -39.86 31.80 -20.02
N ALA A 517 -40.69 31.37 -20.94
CA ALA A 517 -40.43 31.56 -22.35
C ALA A 517 -40.82 32.96 -22.81
N ALA A 518 -40.52 33.29 -24.06
CA ALA A 518 -40.87 34.59 -24.60
C ALA A 518 -42.38 34.76 -24.64
N GLU A 519 -43.12 33.65 -24.70
CA GLU A 519 -44.58 33.70 -24.77
C GLU A 519 -45.16 33.72 -23.36
N ASN A 520 -44.32 33.90 -22.35
CA ASN A 520 -44.76 33.93 -20.95
C ASN A 520 -45.36 32.61 -20.51
N ILE A 521 -44.83 31.52 -21.03
CA ILE A 521 -45.28 30.20 -20.61
C ILE A 521 -44.06 29.42 -20.12
N PRO A 522 -44.21 28.69 -19.01
CA PRO A 522 -43.07 27.94 -18.48
C PRO A 522 -42.59 26.88 -19.45
N GLU A 523 -41.28 26.76 -19.65
CA GLU A 523 -40.73 25.79 -20.57
C GLU A 523 -39.45 25.19 -20.01
N ASN A 524 -39.14 23.95 -20.36
CA ASN A 524 -37.90 23.33 -19.92
C ASN A 524 -36.78 23.55 -20.94
N PRO A 525 -35.80 24.44 -20.66
CA PRO A 525 -34.77 24.65 -21.71
C PRO A 525 -33.84 23.46 -21.94
N LEU A 526 -33.82 22.54 -20.98
CA LEU A 526 -32.96 21.35 -21.02
C LEU A 526 -33.42 20.27 -21.99
N LYS A 527 -32.96 20.31 -23.22
CA LYS A 527 -33.42 19.33 -24.19
C LYS A 527 -32.44 18.21 -24.50
N TYR A 528 -31.19 18.54 -24.75
CA TYR A 528 -30.21 17.53 -25.12
C TYR A 528 -28.95 17.53 -24.27
N LEU A 529 -28.60 16.36 -23.73
CA LEU A 529 -27.37 16.23 -22.97
C LEU A 529 -26.23 16.13 -23.98
N TYR A 530 -25.17 16.91 -23.78
CA TYR A 530 -24.06 16.87 -24.72
C TYR A 530 -23.46 15.48 -24.73
N PRO A 531 -23.01 15.02 -25.91
CA PRO A 531 -23.15 15.66 -27.22
C PRO A 531 -24.56 15.78 -27.86
N ASN A 532 -25.35 14.72 -27.87
CA ASN A 532 -26.70 14.78 -28.44
C ASN A 532 -27.60 13.68 -27.92
N ILE A 533 -27.98 13.74 -26.66
CA ILE A 533 -28.81 12.68 -26.11
C ILE A 533 -30.09 13.26 -25.52
N ASP A 534 -31.21 12.65 -25.82
CA ASP A 534 -32.47 13.10 -25.26
C ASP A 534 -32.45 13.12 -23.75
N LYS A 535 -32.87 14.23 -23.15
CA LYS A 535 -32.90 14.35 -21.70
C LYS A 535 -33.51 13.10 -21.10
N ASP A 536 -34.69 12.74 -21.59
CA ASP A 536 -35.39 11.58 -21.05
C ASP A 536 -34.66 10.26 -21.23
N HIS A 537 -34.04 10.06 -22.39
CA HIS A 537 -33.29 8.83 -22.57
C HIS A 537 -32.13 8.75 -21.58
N ALA A 538 -31.39 9.84 -21.43
CA ALA A 538 -30.29 9.86 -20.48
C ALA A 538 -30.67 9.78 -19.01
N PHE A 539 -31.71 10.51 -18.61
CA PHE A 539 -32.09 10.56 -17.19
C PHE A 539 -33.38 9.87 -16.80
N GLY A 540 -34.02 9.18 -17.73
CA GLY A 540 -35.30 8.54 -17.44
C GLY A 540 -35.20 7.49 -16.38
N LYS A 541 -34.11 6.74 -16.38
CA LYS A 541 -33.92 5.69 -15.42
C LYS A 541 -33.90 6.23 -14.01
N TYR A 542 -33.31 7.41 -13.81
CA TYR A 542 -33.18 7.94 -12.46
C TYR A 542 -34.36 8.78 -11.94
N TYR A 543 -35.36 9.04 -12.78
CA TYR A 543 -36.54 9.77 -12.30
C TYR A 543 -37.26 8.99 -11.20
N SER A 544 -37.66 9.66 -10.12
CA SER A 544 -38.33 8.99 -9.03
C SER A 544 -39.74 8.59 -9.42
N ARG A 545 -40.41 9.46 -10.16
CA ARG A 545 -41.77 9.17 -10.60
C ARG A 545 -41.76 8.40 -11.90
N MET B 1 -14.54 38.11 -25.41
CA MET B 1 -15.34 38.10 -24.21
C MET B 1 -16.75 37.63 -24.46
N TRP B 2 -17.27 36.80 -23.58
CA TRP B 2 -18.62 36.28 -23.73
C TRP B 2 -19.37 36.35 -22.42
N SER B 3 -20.69 36.31 -22.48
CA SER B 3 -21.49 36.40 -21.28
C SER B 3 -22.48 35.26 -21.14
N VAL B 4 -22.74 34.85 -19.91
CA VAL B 4 -23.69 33.77 -19.67
C VAL B 4 -24.80 34.28 -18.78
N PHE B 5 -26.04 33.99 -19.15
CA PHE B 5 -27.17 34.47 -18.37
C PHE B 5 -27.43 33.53 -17.23
N ILE B 6 -27.65 34.07 -16.05
CA ILE B 6 -27.80 33.25 -14.85
C ILE B 6 -29.25 33.17 -14.43
N HIS B 7 -29.75 31.97 -14.21
CA HIS B 7 -31.14 31.78 -13.81
C HIS B 7 -31.21 31.03 -12.50
N GLY B 8 -32.02 31.48 -11.56
CA GLY B 8 -32.16 30.71 -10.34
C GLY B 8 -32.87 29.38 -10.44
N HIS B 9 -33.06 28.69 -9.33
CA HIS B 9 -33.64 27.37 -9.34
C HIS B 9 -35.05 27.49 -9.87
N ASP B 10 -35.74 28.56 -9.49
CA ASP B 10 -37.09 28.82 -10.01
C ASP B 10 -37.11 29.05 -11.50
N GLY B 11 -36.03 29.60 -12.06
CA GLY B 11 -35.99 29.90 -13.48
C GLY B 11 -35.83 31.39 -13.72
N SER B 12 -36.05 32.19 -12.69
CA SER B 12 -35.97 33.63 -12.83
C SER B 12 -34.58 34.11 -13.20
N ASN B 13 -34.50 35.10 -14.06
CA ASN B 13 -33.20 35.64 -14.44
C ASN B 13 -32.57 36.32 -13.23
N LYS B 14 -31.32 35.98 -12.96
CA LYS B 14 -30.63 36.56 -11.81
C LYS B 14 -29.50 37.49 -12.23
N GLY B 15 -29.25 37.58 -13.53
CA GLY B 15 -28.18 38.42 -14.01
C GLY B 15 -27.34 37.76 -15.07
N SER B 16 -26.13 38.28 -15.29
CA SER B 16 -25.23 37.72 -16.28
C SER B 16 -23.80 37.80 -15.78
N LYS B 17 -22.94 36.93 -16.26
CA LYS B 17 -21.54 36.94 -15.86
C LYS B 17 -20.69 37.06 -17.10
N THR B 18 -19.53 37.69 -17.00
CA THR B 18 -18.68 37.90 -18.16
C THR B 18 -17.34 37.20 -18.06
N TYR B 19 -16.89 36.59 -19.14
CA TYR B 19 -15.65 35.84 -19.12
C TYR B 19 -14.73 36.25 -20.26
N THR B 20 -13.43 36.05 -20.09
CA THR B 20 -12.46 36.43 -21.13
C THR B 20 -11.61 35.27 -21.61
S SO4 C . -18.60 28.64 -11.38
O1 SO4 C . -18.32 30.08 -11.51
O2 SO4 C . -19.70 28.25 -12.28
O3 SO4 C . -17.40 27.87 -11.72
O4 SO4 C . -19.00 28.35 -9.99
C ACE D . -13.68 37.13 -25.64
O ACE D . -12.88 36.74 -24.81
CH3 ACE D . -13.76 36.48 -27.00
H1 ACE D . -12.99 35.76 -27.09
H2 ACE D . -14.71 36.04 -27.12
H3 ACE D . -13.63 37.24 -27.75
#